data_4F5U
#
_entry.id   4F5U
#
_cell.length_a   89.254
_cell.length_b   89.254
_cell.length_c   134.802
_cell.angle_alpha   90.00
_cell.angle_beta   90.00
_cell.angle_gamma   120.00
#
_symmetry.space_group_name_H-M   'P 61'
#
loop_
_entity.id
_entity.type
_entity.pdbx_description
1 polymer 'Serum albumin'
2 non-polymer 'MALONATE ION'
3 non-polymer 'SUCCINIC ACID'
4 non-polymer '(2S)-2-hydroxybutanedioic acid'
5 water water
#
_entity_poly.entity_id   1
_entity_poly.type   'polypeptide(L)'
_entity_poly.pdbx_seq_one_letter_code
;DTHKSEIAHRFNDLGEKHFKGLVLVAFSQYLQQCPFEDHVKLVNEVTEFAKKCAADESAENCDKSLHTLFGDKLCTVATL
RATYGELADCCEKQEPERNECFLTHKDDHPNLPKLKPEPDAQCAAFQEDPDKFLGKYLYEVARRHPYFYGPELLFHAEEY
KADFTECCPADDKLACLIPKLDALKERILLSSAKERLKCSSFQNFGERAVKAWSVARLSQKFPKADFAEVSKIVTDLTKV
HKECCHGDLLECADDRADLAKYICEHQDSISGKLKACCDKPLLQKSHCIAEVKEDDLPSDLPALAADFAEDKEICKHYKD
AKDVFLGTFLYEYSRRHPDYSVSLLLRIAKTYEATLEKCCAEADPPACYRTVFDQFTPLVEEPKSLVKKNCDLFEEVGEY
DFQNALIVRYTKKAPQVSTPTLVEIGRTLGKVGSRCCKLPESERLPCSENHLALALNRLCVLHEKTPVSEKITKCCTDSL
AERRPCFSALELDEGYVPKEFKAETFTFHADICTLPEDEKQIKKQSALAELVKHKPKATKEQLKTVLGNFSAFVAKCCGR
EDKEACFAEEGPKLVASSQLALA
;
_entity_poly.pdbx_strand_id   A
#
loop_
_chem_comp.id
_chem_comp.type
_chem_comp.name
_chem_comp.formula
LMR non-polymer '(2S)-2-hydroxybutanedioic acid' 'C4 H6 O5'
MLI non-polymer 'MALONATE ION' 'C3 H2 O4 -2'
SIN non-polymer 'SUCCINIC ACID' 'C4 H6 O4'
#
# COMPACT_ATOMS: atom_id res chain seq x y z
N ASP A 1 21.79 -28.09 -0.10
CA ASP A 1 20.51 -27.35 -0.26
C ASP A 1 20.79 -25.86 -0.51
N THR A 2 19.73 -25.11 -0.90
CA THR A 2 19.82 -23.68 -1.30
C THR A 2 20.65 -22.90 -0.28
N HIS A 3 20.49 -23.27 0.97
CA HIS A 3 21.53 -23.10 1.99
C HIS A 3 21.35 -24.18 3.05
N LYS A 4 22.45 -24.84 3.40
CA LYS A 4 22.45 -25.93 4.38
C LYS A 4 21.40 -25.65 5.45
N SER A 5 21.50 -24.44 6.01
CA SER A 5 20.51 -23.98 6.96
C SER A 5 20.07 -22.63 6.53
N GLU A 6 18.85 -22.55 6.00
CA GLU A 6 18.31 -21.27 5.57
C GLU A 6 18.35 -20.30 6.76
N ILE A 7 17.90 -20.75 7.91
CA ILE A 7 17.90 -19.89 9.09
C ILE A 7 19.31 -19.33 9.43
N ALA A 8 20.29 -20.22 9.50
CA ALA A 8 21.69 -19.82 9.66
C ALA A 8 22.05 -18.84 8.54
N HIS A 9 21.81 -19.28 7.32
CA HIS A 9 22.10 -18.51 6.13
C HIS A 9 21.59 -17.12 6.33
N ARG A 10 20.30 -17.01 6.62
CA ARG A 10 19.68 -15.70 6.70
C ARG A 10 20.20 -14.95 7.87
N PHE A 11 20.35 -15.66 8.99
CA PHE A 11 20.92 -15.05 10.16
C PHE A 11 22.27 -14.49 9.80
N ASN A 12 23.08 -15.33 9.17
CA ASN A 12 24.41 -14.89 8.80
C ASN A 12 24.35 -13.74 7.81
N ASP A 13 23.42 -13.77 6.85
CA ASP A 13 23.41 -12.69 5.86
C ASP A 13 22.88 -11.41 6.41
N LEU A 14 21.88 -11.53 7.27
CA LEU A 14 21.18 -10.35 7.65
C LEU A 14 21.81 -9.78 8.85
N GLY A 15 22.45 -10.66 9.61
CA GLY A 15 22.94 -10.31 10.93
C GLY A 15 21.79 -10.30 11.91
N GLU A 16 22.14 -10.49 13.17
CA GLU A 16 21.17 -10.68 14.22
C GLU A 16 20.10 -9.60 14.25
N LYS A 17 20.53 -8.35 14.25
CA LYS A 17 19.60 -7.27 14.45
C LYS A 17 18.51 -7.35 13.39
N HIS A 18 18.93 -7.46 12.14
CA HIS A 18 17.93 -7.42 11.11
C HIS A 18 17.21 -8.69 11.14
N PHE A 19 17.91 -9.77 11.42
CA PHE A 19 17.21 -11.03 11.41
C PHE A 19 16.12 -11.04 12.47
N LYS A 20 16.48 -10.71 13.70
CA LYS A 20 15.51 -10.61 14.77
C LYS A 20 14.43 -9.60 14.37
N GLY A 21 14.86 -8.44 13.88
CA GLY A 21 13.99 -7.41 13.43
C GLY A 21 12.95 -7.97 12.44
N LEU A 22 13.42 -8.66 11.43
CA LEU A 22 12.52 -9.18 10.45
C LEU A 22 11.72 -10.32 11.02
N VAL A 23 12.31 -11.11 11.89
CA VAL A 23 11.55 -12.20 12.46
C VAL A 23 10.45 -11.56 13.27
N LEU A 24 10.76 -10.42 13.87
CA LEU A 24 9.81 -9.78 14.72
C LEU A 24 8.71 -9.35 13.83
N VAL A 25 9.08 -8.58 12.82
CA VAL A 25 8.14 -8.18 11.81
C VAL A 25 7.39 -9.45 11.33
N ALA A 26 8.11 -10.44 10.84
CA ALA A 26 7.42 -11.60 10.27
C ALA A 26 6.35 -12.11 11.24
N PHE A 27 6.75 -12.26 12.49
CA PHE A 27 5.91 -12.82 13.50
C PHE A 27 4.75 -11.90 13.85
N SER A 28 5.05 -10.61 14.07
CA SER A 28 4.06 -9.63 14.36
C SER A 28 3.00 -9.64 13.28
N GLN A 29 3.45 -9.74 12.06
CA GLN A 29 2.56 -9.74 10.95
C GLN A 29 1.74 -10.99 10.85
N TYR A 30 2.33 -12.12 11.22
CA TYR A 30 1.54 -13.33 11.09
C TYR A 30 0.60 -13.45 12.24
N LEU A 31 1.11 -13.11 13.42
CA LEU A 31 0.38 -13.23 14.66
C LEU A 31 0.25 -11.85 15.28
N GLN A 32 -0.80 -11.16 14.85
CA GLN A 32 -0.92 -9.72 14.99
C GLN A 32 -1.43 -9.26 16.32
N GLN A 33 -2.07 -10.18 17.03
CA GLN A 33 -2.75 -9.83 18.26
C GLN A 33 -1.95 -10.31 19.47
N CYS A 34 -0.78 -10.88 19.19
CA CYS A 34 0.05 -11.44 20.24
C CYS A 34 0.78 -10.36 21.00
N PRO A 35 0.85 -10.51 22.32
CA PRO A 35 1.64 -9.53 23.03
C PRO A 35 3.00 -9.40 22.37
N PHE A 36 3.53 -8.19 22.40
CA PHE A 36 4.80 -7.90 21.81
C PHE A 36 5.89 -8.81 22.42
N GLU A 37 5.84 -8.97 23.75
CA GLU A 37 6.91 -9.72 24.36
CA GLU A 37 6.78 -9.76 24.54
C GLU A 37 6.80 -11.21 24.05
N ASP A 38 5.60 -11.71 23.77
CA ASP A 38 5.50 -13.07 23.28
CA ASP A 38 5.39 -13.07 23.24
C ASP A 38 6.10 -13.20 21.89
N HIS A 39 6.03 -12.13 21.10
CA HIS A 39 6.68 -12.17 19.82
C HIS A 39 8.15 -12.12 20.01
N VAL A 40 8.64 -11.21 20.84
CA VAL A 40 10.04 -11.15 21.20
C VAL A 40 10.54 -12.52 21.61
N LYS A 41 9.80 -13.18 22.48
CA LYS A 41 10.18 -14.51 22.94
C LYS A 41 10.34 -15.38 21.73
N LEU A 42 9.37 -15.35 20.84
CA LEU A 42 9.45 -16.24 19.71
C LEU A 42 10.63 -15.89 18.80
N VAL A 43 10.87 -14.59 18.64
CA VAL A 43 11.91 -14.09 17.77
C VAL A 43 13.22 -14.55 18.36
N ASN A 44 13.35 -14.39 19.66
CA ASN A 44 14.55 -14.83 20.34
C ASN A 44 14.74 -16.30 20.15
N GLU A 45 13.69 -17.07 20.45
CA GLU A 45 13.70 -18.50 20.27
C GLU A 45 14.25 -18.84 18.91
N VAL A 46 13.66 -18.22 17.89
CA VAL A 46 14.01 -18.50 16.51
C VAL A 46 15.42 -18.01 16.22
N THR A 47 15.77 -16.92 16.87
CA THR A 47 17.05 -16.34 16.63
C THR A 47 18.06 -17.19 17.31
N GLU A 48 17.75 -17.61 18.53
CA GLU A 48 18.55 -18.58 19.19
C GLU A 48 18.78 -19.78 18.32
N PHE A 49 17.71 -20.25 17.69
CA PHE A 49 17.85 -21.44 16.89
C PHE A 49 18.67 -21.07 15.67
N ALA A 50 18.47 -19.87 15.15
CA ALA A 50 19.32 -19.35 14.08
C ALA A 50 20.75 -19.51 14.50
N LYS A 51 21.03 -19.04 15.70
CA LYS A 51 22.41 -19.00 16.17
C LYS A 51 22.97 -20.39 16.33
N LYS A 52 22.24 -21.29 17.00
CA LYS A 52 22.63 -22.71 17.05
C LYS A 52 22.91 -23.19 15.63
N CYS A 53 21.96 -23.01 14.73
CA CYS A 53 22.15 -23.43 13.36
C CYS A 53 23.34 -22.80 12.65
N ALA A 54 23.55 -21.50 12.87
CA ALA A 54 24.70 -20.81 12.32
C ALA A 54 26.00 -21.45 12.82
N ALA A 55 25.95 -22.07 14.00
CA ALA A 55 27.10 -22.64 14.65
C ALA A 55 27.26 -24.05 14.15
N ASP A 56 26.14 -24.75 14.03
CA ASP A 56 26.16 -26.07 13.46
C ASP A 56 24.98 -26.24 12.54
N GLU A 57 25.21 -25.97 11.26
CA GLU A 57 24.15 -26.00 10.27
C GLU A 57 23.60 -27.43 10.09
N SER A 58 24.37 -28.41 10.58
CA SER A 58 23.92 -29.79 10.46
C SER A 58 23.09 -30.20 11.68
N ALA A 59 23.00 -29.30 12.66
CA ALA A 59 22.17 -29.54 13.85
C ALA A 59 20.73 -29.95 13.49
N GLU A 60 20.10 -30.68 14.39
CA GLU A 60 18.73 -31.13 14.23
C GLU A 60 17.88 -29.93 13.86
N ASN A 61 17.13 -30.08 12.77
CA ASN A 61 16.12 -29.11 12.38
C ASN A 61 16.68 -27.82 11.80
N CYS A 62 18.00 -27.73 11.66
CA CYS A 62 18.60 -26.51 11.11
C CYS A 62 18.41 -26.47 9.62
N ASP A 63 18.15 -27.66 9.07
CA ASP A 63 17.86 -27.95 7.67
C ASP A 63 16.49 -27.41 7.28
N LYS A 64 15.61 -27.27 8.28
CA LYS A 64 14.22 -26.92 8.02
C LYS A 64 14.15 -25.57 7.36
N SER A 65 13.24 -25.46 6.39
CA SER A 65 13.01 -24.21 5.72
C SER A 65 12.71 -23.14 6.78
N LEU A 66 12.84 -21.89 6.37
CA LEU A 66 12.56 -20.79 7.25
C LEU A 66 11.11 -20.87 7.63
N HIS A 67 10.26 -21.10 6.65
CA HIS A 67 8.89 -21.19 6.98
C HIS A 67 8.51 -22.30 7.92
N THR A 68 9.05 -23.50 7.70
CA THR A 68 8.73 -24.59 8.61
C THR A 68 9.10 -24.06 9.97
N LEU A 69 10.31 -23.53 10.07
CA LEU A 69 10.83 -23.05 11.32
C LEU A 69 9.94 -22.00 11.92
N PHE A 70 9.58 -21.02 11.12
CA PHE A 70 8.86 -19.91 11.70
C PHE A 70 7.43 -20.27 11.97
N GLY A 71 6.88 -21.09 11.07
CA GLY A 71 5.54 -21.61 11.21
C GLY A 71 5.56 -22.43 12.46
N ASP A 72 6.58 -23.27 12.60
CA ASP A 72 6.72 -24.03 13.80
C ASP A 72 6.69 -23.11 14.98
N LYS A 73 7.44 -22.03 14.91
CA LYS A 73 7.54 -21.23 16.12
C LYS A 73 6.25 -20.57 16.41
N LEU A 74 5.64 -19.98 15.39
CA LEU A 74 4.41 -19.27 15.59
C LEU A 74 3.38 -20.22 16.16
N CYS A 75 3.33 -21.42 15.61
CA CYS A 75 2.43 -22.48 16.02
C CYS A 75 2.62 -22.96 17.45
N THR A 76 3.69 -22.49 18.09
CA THR A 76 3.93 -22.79 19.48
C THR A 76 3.34 -21.72 20.37
N VAL A 77 2.82 -20.63 19.81
CA VAL A 77 2.31 -19.58 20.73
C VAL A 77 1.20 -20.10 21.62
N ALA A 78 1.26 -19.65 22.86
CA ALA A 78 0.38 -20.06 23.93
C ALA A 78 -1.09 -20.19 23.56
N THR A 79 -1.62 -19.13 22.97
CA THR A 79 -3.06 -18.91 23.02
C THR A 79 -3.57 -19.09 21.62
N LEU A 80 -2.90 -20.00 20.93
CA LEU A 80 -2.97 -20.01 19.50
C LEU A 80 -4.40 -20.16 19.04
N ARG A 81 -5.07 -21.17 19.58
CA ARG A 81 -6.48 -21.41 19.26
C ARG A 81 -7.34 -20.31 19.82
N ALA A 82 -6.97 -19.85 21.01
CA ALA A 82 -7.69 -18.80 21.72
C ALA A 82 -7.62 -17.53 20.91
N THR A 83 -6.42 -17.00 20.73
CA THR A 83 -6.26 -15.74 20.05
C THR A 83 -6.59 -15.85 18.56
N TYR A 84 -6.18 -16.96 17.95
CA TYR A 84 -6.31 -17.13 16.50
C TYR A 84 -7.04 -18.41 16.14
N GLY A 85 -8.36 -18.34 16.22
CA GLY A 85 -9.24 -19.49 15.93
C GLY A 85 -8.79 -20.18 14.67
N GLU A 86 -8.82 -19.42 13.59
CA GLU A 86 -8.25 -19.73 12.30
C GLU A 86 -6.86 -20.38 12.40
N LEU A 87 -5.90 -19.66 12.96
CA LEU A 87 -4.49 -20.04 12.86
C LEU A 87 -4.18 -21.43 13.34
N ALA A 88 -4.69 -21.78 14.50
CA ALA A 88 -4.54 -23.13 15.02
C ALA A 88 -4.57 -24.12 13.87
N ASP A 89 -5.59 -24.01 13.00
CA ASP A 89 -5.80 -24.92 11.85
C ASP A 89 -4.54 -24.96 11.02
N CYS A 90 -4.07 -23.77 10.67
CA CYS A 90 -2.84 -23.55 9.90
C CYS A 90 -1.76 -24.41 10.53
N CYS A 91 -1.65 -24.36 11.84
CA CYS A 91 -0.58 -25.07 12.54
C CYS A 91 -0.56 -26.56 12.40
N GLU A 92 -1.69 -27.15 12.04
CA GLU A 92 -1.73 -28.57 11.78
C GLU A 92 -1.05 -28.82 10.46
N LYS A 93 -0.91 -27.76 9.65
CA LYS A 93 -0.48 -27.91 8.29
C LYS A 93 1.00 -27.81 8.17
N GLN A 94 1.51 -28.55 7.19
CA GLN A 94 2.93 -28.52 6.89
C GLN A 94 3.09 -27.35 5.96
N GLU A 95 4.32 -26.92 5.79
CA GLU A 95 4.60 -25.91 4.79
C GLU A 95 4.54 -26.51 3.40
N PRO A 96 4.18 -25.68 2.41
CA PRO A 96 3.80 -24.27 2.56
C PRO A 96 2.37 -24.10 2.90
N GLU A 97 1.59 -25.18 2.80
CA GLU A 97 0.19 -25.08 3.15
CA GLU A 97 0.20 -25.10 3.13
C GLU A 97 0.09 -24.21 4.39
N ARG A 98 0.91 -24.48 5.39
CA ARG A 98 0.78 -23.76 6.64
C ARG A 98 0.96 -22.27 6.48
N ASN A 99 2.06 -21.86 5.83
CA ASN A 99 2.27 -20.44 5.62
C ASN A 99 1.12 -19.78 4.88
N GLU A 100 0.62 -20.48 3.88
CA GLU A 100 -0.47 -19.99 3.02
C GLU A 100 -1.67 -19.70 3.82
N CYS A 101 -1.86 -20.54 4.84
CA CYS A 101 -3.01 -20.48 5.71
C CYS A 101 -2.77 -19.30 6.63
N PHE A 102 -1.56 -19.23 7.11
CA PHE A 102 -1.15 -18.14 7.93
C PHE A 102 -1.26 -16.79 7.28
N LEU A 103 -0.90 -16.73 6.00
CA LEU A 103 -0.98 -15.46 5.30
C LEU A 103 -2.43 -15.04 5.18
N THR A 104 -3.23 -15.96 4.64
CA THR A 104 -4.67 -15.83 4.52
C THR A 104 -5.22 -15.26 5.83
N HIS A 105 -4.81 -15.83 6.96
CA HIS A 105 -5.29 -15.29 8.24
C HIS A 105 -4.77 -13.89 8.58
N LYS A 106 -3.70 -13.47 7.93
CA LYS A 106 -3.19 -12.14 8.18
C LYS A 106 -4.32 -11.18 8.04
N ASP A 107 -4.42 -10.33 9.04
CA ASP A 107 -5.51 -9.44 9.18
C ASP A 107 -5.06 -8.10 8.67
N ASP A 108 -5.72 -7.64 7.61
CA ASP A 108 -5.37 -6.38 7.02
C ASP A 108 -5.99 -5.21 7.66
N HIS A 109 -6.95 -5.50 8.52
CA HIS A 109 -7.53 -4.46 9.27
C HIS A 109 -7.69 -4.93 10.66
N PRO A 110 -6.58 -5.15 11.34
CA PRO A 110 -6.78 -5.63 12.66
C PRO A 110 -7.36 -4.51 13.55
N ASN A 111 -7.40 -3.29 13.04
CA ASN A 111 -7.96 -2.17 13.78
C ASN A 111 -7.46 -2.12 15.21
N LEU A 112 -6.16 -2.12 15.28
CA LEU A 112 -5.43 -2.02 16.48
C LEU A 112 -5.45 -0.57 16.99
N PRO A 113 -5.24 -0.40 18.31
CA PRO A 113 -5.24 0.96 18.77
C PRO A 113 -4.28 1.73 17.89
N LYS A 114 -4.67 2.96 17.61
CA LYS A 114 -3.84 3.86 16.86
C LYS A 114 -2.59 4.04 17.63
N LEU A 115 -1.51 3.93 16.91
CA LEU A 115 -0.20 4.21 17.44
C LEU A 115 -0.13 5.72 17.52
N LYS A 116 -0.17 6.21 18.74
CA LYS A 116 -0.20 7.62 18.99
C LYS A 116 1.21 8.02 19.39
N PRO A 117 1.75 9.07 18.72
CA PRO A 117 2.98 9.64 19.20
C PRO A 117 2.70 10.11 20.63
N GLU A 118 3.08 9.26 21.58
CA GLU A 118 2.95 9.50 23.01
C GLU A 118 4.35 9.81 23.54
N PRO A 119 4.87 11.03 23.24
CA PRO A 119 6.29 11.32 23.36
C PRO A 119 6.92 10.93 24.68
N ASP A 120 6.26 11.23 25.80
CA ASP A 120 6.86 10.94 27.09
C ASP A 120 6.97 9.47 27.48
N ALA A 121 5.86 8.73 27.34
CA ALA A 121 5.84 7.30 27.63
C ALA A 121 6.78 6.63 26.65
N GLN A 122 6.73 7.11 25.41
CA GLN A 122 7.51 6.49 24.38
C GLN A 122 8.98 6.79 24.53
N CYS A 123 9.32 8.07 24.66
CA CYS A 123 10.69 8.44 24.93
C CYS A 123 11.23 7.71 26.11
N ALA A 124 10.41 7.58 27.14
CA ALA A 124 10.75 6.84 28.36
C ALA A 124 11.10 5.39 28.03
N ALA A 125 10.20 4.71 27.31
CA ALA A 125 10.34 3.28 27.06
C ALA A 125 11.47 3.03 26.05
N PHE A 126 11.74 4.04 25.22
CA PHE A 126 12.86 4.09 24.31
C PHE A 126 14.17 4.35 25.02
N GLN A 127 14.08 5.13 26.09
CA GLN A 127 15.26 5.51 26.84
C GLN A 127 15.56 4.36 27.77
N GLU A 128 14.51 3.60 28.09
CA GLU A 128 14.60 2.47 29.00
C GLU A 128 15.24 1.36 28.22
N ASP A 129 14.63 1.02 27.10
CA ASP A 129 15.05 -0.12 26.32
C ASP A 129 14.81 0.21 24.85
N PRO A 130 15.78 0.90 24.21
CA PRO A 130 15.61 1.30 22.81
C PRO A 130 15.38 0.10 21.89
N ASP A 131 16.01 -1.03 22.23
CA ASP A 131 15.82 -2.32 21.54
C ASP A 131 14.38 -2.82 21.66
N LYS A 132 13.85 -2.85 22.88
CA LYS A 132 12.48 -3.30 23.11
CA LYS A 132 12.47 -3.30 23.11
C LYS A 132 11.55 -2.31 22.41
N PHE A 133 11.91 -1.04 22.50
CA PHE A 133 11.06 0.03 21.97
C PHE A 133 10.98 -0.04 20.45
N LEU A 134 12.11 -0.28 19.80
CA LEU A 134 12.11 -0.39 18.35
C LEU A 134 11.46 -1.67 17.94
N GLY A 135 11.84 -2.75 18.63
CA GLY A 135 11.13 -4.01 18.53
C GLY A 135 9.62 -3.80 18.59
N LYS A 136 9.16 -3.18 19.68
CA LYS A 136 7.75 -2.92 19.88
C LYS A 136 7.21 -2.27 18.62
N TYR A 137 7.98 -1.32 18.11
CA TYR A 137 7.53 -0.52 17.04
C TYR A 137 7.43 -1.36 15.78
N LEU A 138 8.43 -2.17 15.52
CA LEU A 138 8.36 -3.14 14.43
C LEU A 138 7.12 -3.99 14.58
N TYR A 139 6.94 -4.48 15.80
CA TYR A 139 5.80 -5.28 16.15
C TYR A 139 4.53 -4.48 15.90
N GLU A 140 4.50 -3.22 16.34
CA GLU A 140 3.26 -2.48 16.31
C GLU A 140 2.95 -2.26 14.89
N VAL A 141 3.98 -1.95 14.11
CA VAL A 141 3.68 -1.68 12.72
C VAL A 141 3.41 -2.98 11.98
N ALA A 142 4.27 -3.95 12.19
CA ALA A 142 4.11 -5.19 11.48
C ALA A 142 2.71 -5.72 11.74
N ARG A 143 2.22 -5.66 12.96
CA ARG A 143 0.98 -6.34 13.20
C ARG A 143 -0.16 -5.55 12.60
N ARG A 144 0.03 -4.23 12.52
CA ARG A 144 -0.99 -3.39 11.95
C ARG A 144 -0.92 -3.50 10.44
N HIS A 145 0.25 -3.90 9.97
CA HIS A 145 0.43 -3.95 8.54
C HIS A 145 1.06 -5.22 8.20
N PRO A 146 0.30 -6.32 8.33
CA PRO A 146 0.78 -7.69 8.26
C PRO A 146 1.58 -7.92 6.97
N TYR A 147 1.50 -6.97 6.04
CA TYR A 147 2.25 -7.12 4.82
C TYR A 147 3.25 -6.05 4.60
N PHE A 148 3.48 -5.24 5.61
CA PHE A 148 4.37 -4.17 5.42
C PHE A 148 5.66 -4.82 4.92
N TYR A 149 6.36 -4.06 4.09
CA TYR A 149 7.58 -4.51 3.47
C TYR A 149 8.60 -4.66 4.58
N GLY A 150 8.81 -5.88 5.02
CA GLY A 150 9.69 -6.16 6.18
C GLY A 150 10.91 -5.28 6.27
N PRO A 151 11.84 -5.46 5.35
CA PRO A 151 13.08 -4.72 5.36
C PRO A 151 12.78 -3.28 5.54
N GLU A 152 11.71 -2.81 4.90
CA GLU A 152 11.42 -1.42 4.98
C GLU A 152 11.00 -1.09 6.36
N LEU A 153 10.39 -2.05 7.03
CA LEU A 153 9.91 -1.71 8.34
C LEU A 153 11.09 -1.59 9.22
N LEU A 154 12.16 -2.37 8.96
CA LEU A 154 13.35 -2.18 9.77
C LEU A 154 13.88 -0.82 9.48
N PHE A 155 13.77 -0.39 8.23
CA PHE A 155 14.29 0.92 7.90
C PHE A 155 13.43 1.92 8.63
N HIS A 156 12.13 1.69 8.63
CA HIS A 156 11.36 2.67 9.29
C HIS A 156 11.60 2.66 10.78
N ALA A 157 11.84 1.46 11.34
CA ALA A 157 12.27 1.33 12.77
C ALA A 157 13.46 2.22 13.04
N GLU A 158 14.34 2.38 12.08
CA GLU A 158 15.50 3.28 12.21
C GLU A 158 15.06 4.70 12.29
N GLU A 159 14.19 5.09 11.38
CA GLU A 159 13.66 6.44 11.42
C GLU A 159 12.95 6.68 12.74
N TYR A 160 12.15 5.70 13.14
CA TYR A 160 11.44 5.72 14.37
C TYR A 160 12.46 5.87 15.47
N LYS A 161 13.50 5.02 15.44
CA LYS A 161 14.61 5.18 16.36
C LYS A 161 15.24 6.56 16.22
N ALA A 162 15.60 6.97 14.99
CA ALA A 162 16.24 8.28 14.77
C ALA A 162 15.36 9.41 15.28
N ASP A 163 14.04 9.28 15.06
CA ASP A 163 13.11 10.27 15.61
C ASP A 163 13.23 10.38 17.12
N PHE A 164 12.98 9.27 17.78
CA PHE A 164 13.14 9.22 19.22
C PHE A 164 14.53 9.61 19.68
N THR A 165 15.55 9.17 18.96
CA THR A 165 16.90 9.62 19.27
C THR A 165 17.03 11.15 19.19
N GLU A 166 16.45 11.76 18.16
CA GLU A 166 16.56 13.22 18.04
C GLU A 166 15.67 13.90 19.06
N CYS A 167 14.50 13.33 19.29
CA CYS A 167 13.44 14.07 19.93
C CYS A 167 13.28 13.80 21.39
N CYS A 168 13.85 12.72 21.89
CA CYS A 168 13.67 12.38 23.28
C CYS A 168 14.37 13.30 24.27
N PRO A 169 15.61 13.76 23.95
CA PRO A 169 16.24 14.66 24.93
C PRO A 169 15.92 16.14 24.69
N ALA A 170 15.22 16.42 23.59
CA ALA A 170 14.78 17.75 23.25
C ALA A 170 13.79 18.24 24.31
N ASP A 171 13.85 19.53 24.64
CA ASP A 171 12.88 20.11 25.57
C ASP A 171 11.49 20.08 24.93
N ASP A 172 11.49 20.37 23.63
CA ASP A 172 10.31 20.39 22.78
C ASP A 172 10.09 18.96 22.26
N LYS A 173 9.84 18.05 23.21
CA LYS A 173 9.84 16.61 22.94
C LYS A 173 8.67 16.18 22.07
N LEU A 174 7.49 16.71 22.37
CA LEU A 174 6.33 16.41 21.58
C LEU A 174 6.51 16.96 20.17
N ALA A 175 6.88 18.25 20.06
CA ALA A 175 6.90 18.96 18.76
C ALA A 175 8.13 18.67 17.92
N CYS A 176 9.16 18.11 18.54
CA CYS A 176 10.21 17.50 17.77
C CYS A 176 9.65 16.21 17.17
N LEU A 177 8.94 15.46 18.00
CA LEU A 177 8.66 14.04 17.77
C LEU A 177 7.35 13.77 17.03
N ILE A 178 6.25 14.34 17.51
CA ILE A 178 4.94 14.08 16.91
C ILE A 178 4.99 14.33 15.39
N PRO A 179 5.59 15.45 14.92
CA PRO A 179 5.49 15.55 13.46
C PRO A 179 6.30 14.47 12.73
N LYS A 180 7.47 14.15 13.27
CA LYS A 180 8.29 13.07 12.76
C LYS A 180 7.46 11.79 12.80
N LEU A 181 6.84 11.52 13.94
CA LEU A 181 6.13 10.25 14.06
C LEU A 181 4.90 10.27 13.19
N ASP A 182 4.25 11.42 13.15
CA ASP A 182 3.14 11.61 12.22
C ASP A 182 3.58 11.29 10.83
N ALA A 183 4.74 11.82 10.44
CA ALA A 183 5.20 11.67 9.06
C ALA A 183 5.56 10.19 8.87
N LEU A 184 6.26 9.65 9.85
CA LEU A 184 6.66 8.26 9.85
C LEU A 184 5.48 7.34 9.65
N LYS A 185 4.45 7.51 10.46
CA LYS A 185 3.29 6.68 10.35
C LYS A 185 2.70 6.89 8.96
N GLU A 186 2.75 8.13 8.45
CA GLU A 186 2.22 8.34 7.13
C GLU A 186 3.07 7.61 6.13
N ARG A 187 4.37 7.66 6.34
CA ARG A 187 5.28 7.01 5.45
C ARG A 187 5.02 5.54 5.60
N ILE A 188 4.73 5.13 6.81
CA ILE A 188 4.40 3.77 7.08
C ILE A 188 3.15 3.37 6.34
N LEU A 189 2.11 4.19 6.45
CA LEU A 189 0.85 3.84 5.85
C LEU A 189 1.03 3.72 4.38
N LEU A 190 1.76 4.67 3.81
CA LEU A 190 1.95 4.67 2.40
C LEU A 190 2.78 3.44 1.98
N SER A 191 3.92 3.27 2.63
CA SER A 191 4.79 2.14 2.32
C SER A 191 3.96 0.88 2.45
N SER A 192 3.20 0.84 3.54
CA SER A 192 2.39 -0.33 3.79
C SER A 192 1.48 -0.56 2.62
N ALA A 193 0.77 0.49 2.22
CA ALA A 193 -0.17 0.41 1.13
C ALA A 193 0.57 0.03 -0.12
N LYS A 194 1.76 0.54 -0.32
CA LYS A 194 2.56 0.15 -1.47
C LYS A 194 2.85 -1.32 -1.42
N GLU A 195 3.32 -1.80 -0.27
CA GLU A 195 3.67 -3.17 -0.22
C GLU A 195 2.42 -3.99 -0.28
N ARG A 196 1.38 -3.56 0.40
CA ARG A 196 0.13 -4.27 0.31
C ARG A 196 -0.27 -4.49 -1.11
N LEU A 197 -0.10 -3.45 -1.92
CA LEU A 197 -0.50 -3.53 -3.30
C LEU A 197 0.38 -4.60 -3.91
N LYS A 198 1.67 -4.59 -3.62
CA LYS A 198 2.56 -5.52 -4.23
C LYS A 198 2.09 -6.87 -3.85
N CYS A 199 1.69 -7.00 -2.62
CA CYS A 199 1.42 -8.31 -2.10
C CYS A 199 0.10 -8.75 -2.66
N SER A 200 -0.86 -7.84 -2.65
CA SER A 200 -2.12 -8.06 -3.30
C SER A 200 -1.95 -8.42 -4.75
N SER A 201 -0.99 -7.80 -5.44
CA SER A 201 -0.83 -8.12 -6.83
C SER A 201 -0.32 -9.54 -6.93
N PHE A 202 0.65 -9.92 -6.13
CA PHE A 202 1.02 -11.33 -6.12
C PHE A 202 -0.12 -12.22 -5.83
N GLN A 203 -0.90 -11.87 -4.80
CA GLN A 203 -1.95 -12.74 -4.34
C GLN A 203 -3.00 -12.85 -5.41
N ASN A 204 -3.38 -11.72 -5.93
CA ASN A 204 -4.60 -11.64 -6.65
C ASN A 204 -4.46 -11.73 -8.11
N PHE A 205 -3.23 -11.48 -8.56
CA PHE A 205 -2.93 -11.32 -9.97
C PHE A 205 -1.72 -12.03 -10.37
N GLY A 206 -0.94 -12.42 -9.38
CA GLY A 206 0.23 -13.17 -9.68
C GLY A 206 1.42 -12.31 -9.97
N GLU A 207 2.52 -13.02 -9.96
CA GLU A 207 3.84 -12.48 -10.12
C GLU A 207 4.02 -11.71 -11.41
N ARG A 208 3.38 -12.16 -12.47
CA ARG A 208 3.55 -11.60 -13.78
C ARG A 208 2.94 -10.22 -13.81
N ALA A 209 1.95 -10.02 -12.95
CA ALA A 209 1.29 -8.75 -12.90
C ALA A 209 2.21 -7.88 -12.11
N VAL A 210 2.78 -8.46 -11.05
CA VAL A 210 3.68 -7.75 -10.22
C VAL A 210 4.86 -7.38 -11.05
N LYS A 211 5.33 -8.31 -11.85
CA LYS A 211 6.44 -8.06 -12.73
C LYS A 211 6.19 -6.95 -13.73
N ALA A 212 5.01 -6.97 -14.35
CA ALA A 212 4.71 -6.07 -15.37
C ALA A 212 4.60 -4.74 -14.65
N TRP A 213 3.98 -4.76 -13.50
CA TRP A 213 3.94 -3.56 -12.73
C TRP A 213 5.33 -3.02 -12.52
N SER A 214 6.24 -3.89 -12.07
CA SER A 214 7.52 -3.44 -11.65
C SER A 214 8.25 -3.08 -12.86
N VAL A 215 8.01 -3.78 -13.97
CA VAL A 215 8.72 -3.39 -15.18
C VAL A 215 8.34 -1.99 -15.53
N ALA A 216 7.05 -1.73 -15.49
CA ALA A 216 6.57 -0.44 -15.90
C ALA A 216 7.21 0.53 -14.97
N ARG A 217 7.11 0.24 -13.69
CA ARG A 217 7.52 1.18 -12.70
C ARG A 217 9.02 1.32 -12.73
N LEU A 218 9.76 0.23 -12.82
CA LEU A 218 11.20 0.44 -12.72
C LEU A 218 11.70 0.97 -14.02
N SER A 219 10.95 0.79 -15.09
CA SER A 219 11.35 1.41 -16.35
C SER A 219 11.22 2.87 -16.20
N GLN A 220 10.14 3.32 -15.56
CA GLN A 220 9.97 4.72 -15.40
C GLN A 220 11.09 5.23 -14.57
N LYS A 221 11.42 4.48 -13.54
CA LYS A 221 12.40 4.94 -12.60
C LYS A 221 13.74 4.90 -13.17
N PHE A 222 13.96 3.93 -14.03
CA PHE A 222 15.31 3.65 -14.44
C PHE A 222 15.33 3.63 -15.90
N PRO A 223 14.90 4.73 -16.49
CA PRO A 223 14.68 4.78 -17.88
C PRO A 223 15.93 4.59 -18.65
N LYS A 224 17.07 4.85 -18.01
CA LYS A 224 18.36 4.77 -18.67
C LYS A 224 18.82 3.35 -18.58
N ALA A 225 18.22 2.56 -17.69
CA ALA A 225 18.54 1.15 -17.56
C ALA A 225 18.04 0.41 -18.78
N ASP A 226 18.82 -0.54 -19.26
CA ASP A 226 18.30 -1.32 -20.34
C ASP A 226 17.25 -2.28 -19.81
N PHE A 227 16.52 -2.85 -20.74
CA PHE A 227 15.47 -3.73 -20.45
C PHE A 227 15.98 -4.86 -19.62
N ALA A 228 17.04 -5.49 -20.11
CA ALA A 228 17.64 -6.60 -19.39
C ALA A 228 17.82 -6.23 -17.92
N GLU A 229 18.31 -5.02 -17.71
CA GLU A 229 18.64 -4.57 -16.41
C GLU A 229 17.35 -4.38 -15.62
N VAL A 230 16.35 -3.72 -16.26
CA VAL A 230 15.09 -3.52 -15.59
C VAL A 230 14.56 -4.90 -15.26
N SER A 231 14.57 -5.78 -16.24
CA SER A 231 14.03 -7.10 -16.08
C SER A 231 14.64 -7.78 -14.93
N LYS A 232 15.96 -7.64 -14.85
CA LYS A 232 16.72 -8.30 -13.83
C LYS A 232 16.27 -7.72 -12.53
N ILE A 233 16.23 -6.40 -12.45
CA ILE A 233 15.88 -5.82 -11.20
C ILE A 233 14.45 -6.26 -10.92
N VAL A 234 13.59 -6.24 -11.89
CA VAL A 234 12.20 -6.60 -11.64
C VAL A 234 12.11 -8.02 -11.13
N THR A 235 12.88 -8.94 -11.69
CA THR A 235 12.74 -10.31 -11.34
C THR A 235 13.13 -10.38 -9.89
N ASP A 236 14.24 -9.73 -9.58
CA ASP A 236 14.81 -9.83 -8.28
C ASP A 236 13.94 -9.16 -7.35
N LEU A 237 13.39 -8.04 -7.78
CA LEU A 237 12.63 -7.25 -6.85
C LEU A 237 11.33 -8.00 -6.63
N THR A 238 10.82 -8.63 -7.66
CA THR A 238 9.59 -9.38 -7.55
C THR A 238 9.82 -10.47 -6.57
N LYS A 239 10.94 -11.10 -6.69
CA LYS A 239 11.23 -12.18 -5.79
C LYS A 239 11.25 -11.64 -4.39
N VAL A 240 11.85 -10.46 -4.24
CA VAL A 240 11.97 -9.84 -2.93
C VAL A 240 10.62 -9.68 -2.37
N HIS A 241 9.72 -9.16 -3.17
CA HIS A 241 8.45 -8.84 -2.60
C HIS A 241 7.61 -10.04 -2.52
N LYS A 242 7.84 -11.02 -3.39
CA LYS A 242 7.11 -12.27 -3.34
C LYS A 242 7.45 -12.83 -2.01
N GLU A 243 8.74 -12.87 -1.70
CA GLU A 243 9.12 -13.43 -0.43
C GLU A 243 8.53 -12.69 0.72
N CYS A 244 8.67 -11.38 0.67
CA CYS A 244 8.16 -10.55 1.72
C CYS A 244 6.68 -10.76 1.83
N CYS A 245 6.01 -10.85 0.69
CA CYS A 245 4.57 -10.91 0.70
C CYS A 245 4.19 -12.19 1.26
N HIS A 246 5.03 -13.20 1.05
CA HIS A 246 4.76 -14.48 1.63
C HIS A 246 5.33 -14.61 3.02
N GLY A 247 5.72 -13.49 3.60
CA GLY A 247 6.18 -13.56 4.97
C GLY A 247 7.51 -14.26 5.02
N ASP A 248 8.15 -14.42 3.87
CA ASP A 248 9.52 -14.91 3.88
C ASP A 248 10.40 -13.67 3.97
N LEU A 249 10.30 -12.95 5.07
CA LEU A 249 10.97 -11.67 5.27
C LEU A 249 12.48 -11.69 5.34
N LEU A 250 13.01 -12.81 5.84
CA LEU A 250 14.45 -12.94 5.93
C LEU A 250 14.97 -13.05 4.55
N GLU A 251 14.34 -13.90 3.75
CA GLU A 251 14.80 -14.11 2.40
C GLU A 251 14.56 -12.83 1.69
N CYS A 252 13.39 -12.28 1.93
CA CYS A 252 13.03 -11.04 1.31
C CYS A 252 14.06 -9.98 1.61
N ALA A 253 14.48 -9.88 2.85
CA ALA A 253 15.39 -8.82 3.20
C ALA A 253 16.74 -9.11 2.59
N ASP A 254 17.08 -10.38 2.59
CA ASP A 254 18.40 -10.75 2.19
C ASP A 254 18.54 -10.56 0.69
N ASP A 255 17.52 -10.98 -0.01
CA ASP A 255 17.39 -10.80 -1.44
C ASP A 255 17.27 -9.35 -1.77
N ARG A 256 16.65 -8.63 -0.89
CA ARG A 256 16.54 -7.24 -1.15
C ARG A 256 17.87 -6.56 -1.07
N ALA A 257 18.66 -6.91 -0.05
CA ALA A 257 19.97 -6.38 0.14
C ALA A 257 20.77 -6.81 -1.03
N ASP A 258 20.58 -8.04 -1.49
CA ASP A 258 21.28 -8.45 -2.68
C ASP A 258 20.92 -7.52 -3.83
N LEU A 259 19.65 -7.25 -3.98
CA LEU A 259 19.16 -6.42 -5.02
C LEU A 259 19.67 -5.00 -4.96
N ALA A 260 19.56 -4.40 -3.79
CA ALA A 260 20.15 -3.10 -3.54
C ALA A 260 21.62 -3.14 -3.91
N LYS A 261 22.31 -4.20 -3.55
CA LYS A 261 23.71 -4.31 -3.81
C LYS A 261 23.87 -4.32 -5.31
N TYR A 262 23.10 -5.18 -5.94
CA TYR A 262 23.16 -5.31 -7.34
C TYR A 262 22.87 -3.97 -8.03
N ILE A 263 21.85 -3.29 -7.56
CA ILE A 263 21.45 -2.09 -8.19
C ILE A 263 22.56 -1.09 -8.02
N CYS A 264 23.10 -1.04 -6.82
CA CYS A 264 24.18 -0.10 -6.52
C CYS A 264 25.42 -0.47 -7.25
N GLU A 265 25.62 -1.76 -7.53
CA GLU A 265 26.81 -2.12 -8.32
C GLU A 265 26.58 -1.61 -9.71
N HIS A 266 25.32 -1.52 -10.11
CA HIS A 266 25.01 -1.26 -11.50
C HIS A 266 24.36 0.08 -11.66
N GLN A 267 24.45 0.87 -10.60
CA GLN A 267 23.75 2.10 -10.57
C GLN A 267 24.02 2.89 -11.81
N ASP A 268 25.23 2.84 -12.34
CA ASP A 268 25.58 3.71 -13.43
C ASP A 268 24.82 3.36 -14.69
N SER A 269 24.34 2.12 -14.78
CA SER A 269 23.65 1.66 -15.95
C SER A 269 22.22 1.51 -15.50
N ILE A 270 21.96 1.95 -14.27
CA ILE A 270 20.59 1.90 -13.87
C ILE A 270 19.97 3.26 -13.80
N SER A 271 20.55 4.10 -12.95
CA SER A 271 20.04 5.42 -12.76
C SER A 271 21.02 6.24 -11.96
N GLY A 272 21.15 7.51 -12.34
CA GLY A 272 21.99 8.45 -11.59
C GLY A 272 21.33 8.81 -10.27
N LYS A 273 20.03 8.51 -10.15
CA LYS A 273 19.29 8.81 -8.93
C LYS A 273 19.73 7.85 -7.85
N LEU A 274 20.42 6.79 -8.25
CA LEU A 274 20.75 5.76 -7.31
C LEU A 274 21.97 6.15 -6.54
N LYS A 275 22.77 7.02 -7.12
CA LYS A 275 24.02 7.37 -6.48
C LYS A 275 23.72 7.76 -5.06
N ALA A 276 22.76 8.65 -4.86
CA ALA A 276 22.43 9.04 -3.48
C ALA A 276 22.18 7.81 -2.66
N CYS A 277 21.39 6.89 -3.23
CA CYS A 277 20.92 5.73 -2.51
C CYS A 277 22.04 4.78 -2.23
N CYS A 278 22.90 4.63 -3.20
CA CYS A 278 23.95 3.64 -3.15
C CYS A 278 25.09 4.05 -2.29
N ASP A 279 25.10 5.34 -1.93
CA ASP A 279 26.00 5.84 -0.91
C ASP A 279 25.44 5.59 0.48
N LYS A 280 24.17 5.20 0.58
CA LYS A 280 23.55 5.21 1.91
C LYS A 280 23.89 3.93 2.62
N PRO A 281 23.71 3.87 3.96
CA PRO A 281 23.87 2.63 4.67
C PRO A 281 22.84 1.65 4.15
N LEU A 282 22.99 0.36 4.44
CA LEU A 282 22.15 -0.70 3.88
C LEU A 282 20.66 -0.44 3.70
N LEU A 283 19.98 -0.13 4.81
CA LEU A 283 18.53 -0.14 4.81
C LEU A 283 18.10 1.10 4.13
N GLN A 284 18.82 2.16 4.41
CA GLN A 284 18.58 3.41 3.78
C GLN A 284 18.75 3.26 2.32
N LYS A 285 19.78 2.55 1.93
CA LYS A 285 20.06 2.42 0.54
C LYS A 285 18.88 1.76 -0.13
N SER A 286 18.44 0.64 0.44
CA SER A 286 17.41 -0.18 -0.13
C SER A 286 16.18 0.69 -0.18
N HIS A 287 15.89 1.33 0.93
CA HIS A 287 14.79 2.22 1.02
C HIS A 287 14.96 3.22 -0.05
N CYS A 288 16.16 3.78 -0.15
CA CYS A 288 16.36 4.88 -1.06
C CYS A 288 16.10 4.37 -2.49
N ILE A 289 16.57 3.17 -2.75
CA ILE A 289 16.40 2.58 -4.05
C ILE A 289 14.92 2.32 -4.27
N ALA A 290 14.23 1.84 -3.24
CA ALA A 290 12.83 1.56 -3.41
C ALA A 290 12.13 2.84 -3.75
N GLU A 291 12.58 3.92 -3.16
CA GLU A 291 11.79 5.14 -3.24
C GLU A 291 12.39 6.02 -4.27
N VAL A 292 13.41 5.51 -4.93
CA VAL A 292 14.20 6.33 -5.79
C VAL A 292 13.31 6.99 -6.79
N LYS A 293 13.65 8.23 -7.00
CA LYS A 293 13.00 9.05 -7.98
CA LYS A 293 13.06 9.12 -7.99
C LYS A 293 13.41 8.60 -9.37
N GLU A 294 12.57 8.89 -10.30
CA GLU A 294 12.84 8.45 -11.61
C GLU A 294 14.03 9.23 -12.11
N ASP A 295 14.84 8.51 -12.83
CA ASP A 295 15.91 9.13 -13.49
C ASP A 295 15.45 10.02 -14.62
N ASP A 296 16.30 10.95 -15.03
CA ASP A 296 16.09 11.65 -16.25
C ASP A 296 15.99 10.65 -17.35
N LEU A 297 15.13 10.95 -18.30
CA LEU A 297 15.02 10.17 -19.48
C LEU A 297 16.36 10.26 -20.12
N PRO A 298 16.84 9.13 -20.67
CA PRO A 298 18.06 9.23 -21.44
C PRO A 298 17.66 9.91 -22.74
N SER A 299 18.58 10.66 -23.29
CA SER A 299 18.31 11.39 -24.50
C SER A 299 18.33 10.48 -25.74
N ASP A 300 18.60 9.19 -25.51
CA ASP A 300 18.62 8.17 -26.53
C ASP A 300 17.55 7.09 -26.31
N LEU A 301 16.46 7.44 -25.64
CA LEU A 301 15.25 6.65 -25.75
C LEU A 301 15.05 6.30 -27.21
N PRO A 302 14.78 5.03 -27.51
CA PRO A 302 14.61 4.74 -28.93
C PRO A 302 13.25 5.23 -29.41
N ALA A 303 13.14 5.60 -30.66
CA ALA A 303 11.80 5.82 -31.20
C ALA A 303 11.12 4.49 -31.07
N LEU A 304 9.89 4.53 -30.59
CA LEU A 304 9.19 3.27 -30.31
C LEU A 304 8.43 2.76 -31.49
N ALA A 305 8.05 3.67 -32.35
CA ALA A 305 7.30 3.36 -33.56
C ALA A 305 7.97 2.21 -34.27
N ALA A 306 9.26 2.37 -34.45
CA ALA A 306 9.98 1.52 -35.36
C ALA A 306 9.77 0.09 -34.96
N ASP A 307 9.97 -0.23 -33.68
CA ASP A 307 9.99 -1.61 -33.25
C ASP A 307 8.59 -2.06 -32.98
N PHE A 308 7.80 -1.14 -32.44
CA PHE A 308 6.58 -1.50 -31.78
C PHE A 308 5.35 -1.15 -32.58
N ALA A 309 5.52 -0.41 -33.67
CA ALA A 309 4.39 -0.04 -34.48
C ALA A 309 4.69 -0.30 -35.95
N GLU A 310 5.93 -0.08 -36.37
CA GLU A 310 6.24 -0.04 -37.79
C GLU A 310 6.90 -1.30 -38.26
N ASP A 311 7.67 -1.91 -37.37
CA ASP A 311 8.36 -3.15 -37.70
C ASP A 311 7.36 -4.14 -38.23
N LYS A 312 7.70 -4.71 -39.38
CA LYS A 312 6.81 -5.62 -40.08
C LYS A 312 6.70 -6.98 -39.39
N GLU A 313 7.70 -7.31 -38.58
CA GLU A 313 7.71 -8.65 -37.98
CA GLU A 313 7.82 -8.63 -37.95
C GLU A 313 7.29 -8.58 -36.52
N ILE A 314 6.62 -7.50 -36.16
CA ILE A 314 6.05 -7.35 -34.83
C ILE A 314 5.21 -8.57 -34.46
N CYS A 315 4.27 -8.92 -35.33
CA CYS A 315 3.48 -10.11 -35.10
C CYS A 315 4.35 -11.32 -34.80
N LYS A 316 5.44 -11.47 -35.56
CA LYS A 316 6.34 -12.58 -35.33
C LYS A 316 6.93 -12.47 -33.93
N HIS A 317 7.51 -11.31 -33.61
CA HIS A 317 8.06 -11.12 -32.28
C HIS A 317 6.97 -11.31 -31.28
N TYR A 318 5.80 -10.76 -31.57
CA TYR A 318 4.70 -10.91 -30.66
C TYR A 318 4.38 -12.37 -30.45
N LYS A 319 4.38 -13.16 -31.52
CA LYS A 319 4.05 -14.56 -31.41
C LYS A 319 5.12 -15.32 -30.67
N ASP A 320 6.35 -15.30 -31.15
CA ASP A 320 7.33 -16.20 -30.56
C ASP A 320 8.12 -15.60 -29.39
N ALA A 321 7.91 -14.30 -29.11
CA ALA A 321 8.59 -13.64 -27.99
C ALA A 321 7.65 -12.75 -27.14
N LYS A 322 6.42 -13.21 -26.95
CA LYS A 322 5.36 -12.40 -26.36
C LYS A 322 5.79 -11.62 -25.12
N ASP A 323 6.04 -12.35 -24.03
CA ASP A 323 6.37 -11.78 -22.74
C ASP A 323 7.44 -10.72 -22.86
N VAL A 324 8.37 -11.00 -23.75
CA VAL A 324 9.61 -10.28 -23.81
C VAL A 324 9.36 -9.06 -24.64
N PHE A 325 8.71 -9.30 -25.76
CA PHE A 325 8.38 -8.23 -26.65
C PHE A 325 7.48 -7.28 -25.93
N LEU A 326 6.47 -7.80 -25.24
CA LEU A 326 5.57 -6.93 -24.51
C LEU A 326 6.29 -6.27 -23.36
N GLY A 327 7.13 -7.05 -22.70
CA GLY A 327 7.93 -6.60 -21.57
C GLY A 327 8.74 -5.46 -22.09
N THR A 328 9.39 -5.69 -23.22
CA THR A 328 10.16 -4.66 -23.89
C THR A 328 9.28 -3.45 -24.16
N PHE A 329 8.08 -3.72 -24.65
CA PHE A 329 7.26 -2.59 -24.97
C PHE A 329 7.00 -1.84 -23.70
N LEU A 330 6.73 -2.60 -22.66
CA LEU A 330 6.27 -2.04 -21.43
C LEU A 330 7.43 -1.27 -20.92
N TYR A 331 8.59 -1.88 -21.00
CA TYR A 331 9.77 -1.23 -20.54
C TYR A 331 9.98 0.00 -21.32
N GLU A 332 9.93 -0.12 -22.62
CA GLU A 332 10.24 1.07 -23.44
C GLU A 332 9.26 2.15 -23.24
N TYR A 333 8.00 1.79 -23.28
CA TYR A 333 6.95 2.74 -23.11
C TYR A 333 6.98 3.33 -21.71
N SER A 334 7.30 2.51 -20.72
CA SER A 334 7.23 3.02 -19.37
C SER A 334 8.43 3.90 -19.12
N ARG A 335 9.63 3.50 -19.53
CA ARG A 335 10.77 4.35 -19.21
C ARG A 335 10.57 5.77 -19.73
N ARG A 336 9.86 5.91 -20.81
CA ARG A 336 9.69 7.27 -21.40
C ARG A 336 8.41 7.89 -20.92
N HIS A 337 7.70 7.17 -20.05
CA HIS A 337 6.50 7.72 -19.49
C HIS A 337 6.51 7.75 -18.01
N PRO A 338 7.46 8.49 -17.42
CA PRO A 338 7.37 8.64 -15.99
C PRO A 338 6.15 9.49 -15.73
N ASP A 339 5.56 10.01 -16.79
CA ASP A 339 4.42 10.88 -16.62
C ASP A 339 3.14 10.07 -16.56
N TYR A 340 3.22 8.78 -16.77
CA TYR A 340 2.04 7.98 -16.71
C TYR A 340 2.12 7.18 -15.41
N SER A 341 0.96 6.73 -14.98
CA SER A 341 0.86 5.91 -13.83
C SER A 341 1.32 4.58 -14.32
N VAL A 342 1.76 3.75 -13.40
CA VAL A 342 2.12 2.41 -13.73
C VAL A 342 0.90 1.70 -14.29
N SER A 343 -0.23 1.80 -13.61
CA SER A 343 -1.38 1.08 -14.13
CA SER A 343 -1.41 1.13 -14.13
C SER A 343 -1.73 1.63 -15.50
N LEU A 344 -1.59 2.93 -15.70
CA LEU A 344 -1.84 3.39 -17.05
C LEU A 344 -0.91 2.67 -17.99
N LEU A 345 0.37 2.59 -17.65
CA LEU A 345 1.31 1.96 -18.51
C LEU A 345 0.91 0.53 -18.76
N LEU A 346 0.38 -0.09 -17.73
CA LEU A 346 0.07 -1.45 -17.82
C LEU A 346 -1.12 -1.60 -18.69
N ARG A 347 -2.01 -0.62 -18.65
CA ARG A 347 -3.17 -0.63 -19.50
C ARG A 347 -2.73 -0.38 -20.89
N ILE A 348 -1.74 0.47 -21.02
CA ILE A 348 -1.25 0.82 -22.32
C ILE A 348 -0.58 -0.40 -22.92
N ALA A 349 0.12 -1.15 -22.08
CA ALA A 349 0.81 -2.40 -22.48
C ALA A 349 -0.25 -3.36 -22.89
N LYS A 350 -1.31 -3.42 -22.10
CA LYS A 350 -2.41 -4.34 -22.40
C LYS A 350 -3.08 -3.95 -23.72
N THR A 351 -3.20 -2.66 -23.97
CA THR A 351 -3.80 -2.22 -25.21
C THR A 351 -2.81 -2.50 -26.31
N TYR A 352 -1.54 -2.28 -26.01
CA TYR A 352 -0.54 -2.52 -27.00
C TYR A 352 -0.65 -3.97 -27.40
N GLU A 353 -0.62 -4.85 -26.41
CA GLU A 353 -0.87 -6.24 -26.56
C GLU A 353 -2.17 -6.52 -27.27
N ALA A 354 -3.26 -6.01 -26.74
CA ALA A 354 -4.54 -6.28 -27.32
C ALA A 354 -4.51 -5.89 -28.79
N THR A 355 -3.88 -4.76 -29.08
CA THR A 355 -3.80 -4.25 -30.42
C THR A 355 -2.96 -5.16 -31.27
N LEU A 356 -1.85 -5.67 -30.73
CA LEU A 356 -1.13 -6.72 -31.49
C LEU A 356 -1.96 -7.96 -31.61
N GLU A 357 -2.57 -8.38 -30.51
CA GLU A 357 -3.39 -9.57 -30.60
C GLU A 357 -4.45 -9.34 -31.69
N LYS A 358 -5.04 -8.14 -31.73
CA LYS A 358 -5.97 -7.86 -32.82
C LYS A 358 -5.23 -7.81 -34.14
N CYS A 359 -4.26 -6.93 -34.26
CA CYS A 359 -3.67 -6.67 -35.57
C CYS A 359 -3.07 -7.91 -36.21
N CYS A 360 -2.44 -8.74 -35.39
CA CYS A 360 -1.74 -9.93 -35.88
C CYS A 360 -2.66 -11.06 -36.32
N ALA A 361 -3.90 -11.03 -35.88
CA ALA A 361 -4.92 -12.00 -36.33
C ALA A 361 -5.53 -11.54 -37.66
N GLU A 362 -5.28 -10.29 -38.01
CA GLU A 362 -5.83 -9.69 -39.20
C GLU A 362 -4.93 -9.85 -40.43
N ALA A 363 -5.44 -9.49 -41.60
CA ALA A 363 -4.78 -9.71 -42.92
C ALA A 363 -3.44 -8.98 -43.12
N ASP A 364 -3.42 -7.65 -42.95
CA ASP A 364 -2.14 -6.95 -42.92
C ASP A 364 -1.96 -6.43 -41.50
N PRO A 365 -1.46 -7.29 -40.60
CA PRO A 365 -1.20 -6.75 -39.28
C PRO A 365 -0.48 -5.39 -39.29
N PRO A 366 0.58 -5.21 -40.11
CA PRO A 366 1.30 -3.92 -40.01
C PRO A 366 0.43 -2.67 -40.16
N ALA A 367 -0.44 -2.64 -41.18
CA ALA A 367 -1.37 -1.49 -41.35
C ALA A 367 -2.29 -1.37 -40.15
N CYS A 368 -2.74 -2.50 -39.61
CA CYS A 368 -3.51 -2.47 -38.37
C CYS A 368 -2.70 -1.91 -37.15
N TYR A 369 -1.51 -2.47 -36.90
CA TYR A 369 -0.84 -2.03 -35.70
C TYR A 369 0.00 -0.78 -35.89
N ARG A 370 0.17 -0.30 -37.10
CA ARG A 370 0.98 0.87 -37.18
C ARG A 370 0.42 1.98 -36.32
N THR A 371 -0.88 1.95 -36.05
CA THR A 371 -1.47 3.03 -35.28
C THR A 371 -1.54 2.60 -33.85
N VAL A 372 -0.72 1.63 -33.48
CA VAL A 372 -0.90 1.05 -32.16
C VAL A 372 -0.73 2.07 -31.07
N PHE A 373 0.21 3.00 -31.23
CA PHE A 373 0.49 3.92 -30.14
C PHE A 373 -0.68 4.88 -29.98
N ASP A 374 -1.42 5.03 -31.05
CA ASP A 374 -2.53 5.93 -31.09
C ASP A 374 -3.72 5.48 -30.27
N GLN A 375 -3.76 4.19 -29.99
CA GLN A 375 -4.81 3.61 -29.18
C GLN A 375 -4.52 3.86 -27.72
N PHE A 376 -3.36 4.45 -27.43
CA PHE A 376 -3.00 4.71 -26.03
C PHE A 376 -3.56 6.02 -25.54
N THR A 377 -3.82 6.89 -26.51
CA THR A 377 -4.32 8.22 -26.26
C THR A 377 -5.52 8.23 -25.32
N PRO A 378 -6.58 7.48 -25.64
CA PRO A 378 -7.71 7.49 -24.74
C PRO A 378 -7.34 6.89 -23.40
N LEU A 379 -6.46 5.90 -23.39
CA LEU A 379 -6.04 5.34 -22.12
C LEU A 379 -5.38 6.42 -21.31
N VAL A 380 -4.61 7.24 -21.98
CA VAL A 380 -3.93 8.30 -21.33
C VAL A 380 -4.91 9.35 -20.84
N GLU A 381 -5.81 9.74 -21.71
CA GLU A 381 -6.66 10.92 -21.50
C GLU A 381 -7.50 10.71 -20.25
N GLU A 382 -8.12 9.54 -20.16
CA GLU A 382 -9.03 9.25 -19.03
C GLU A 382 -8.30 9.50 -17.70
N PRO A 383 -7.21 8.79 -17.43
CA PRO A 383 -6.72 9.05 -16.09
C PRO A 383 -6.23 10.46 -15.96
N LYS A 384 -5.78 11.05 -17.06
CA LYS A 384 -5.16 12.37 -17.01
C LYS A 384 -6.20 13.38 -16.62
N SER A 385 -7.40 13.19 -17.16
CA SER A 385 -8.45 14.11 -16.90
C SER A 385 -9.05 13.84 -15.52
N LEU A 386 -9.05 12.58 -15.09
CA LEU A 386 -9.55 12.24 -13.76
C LEU A 386 -8.64 12.88 -12.75
N VAL A 387 -7.36 12.90 -13.04
CA VAL A 387 -6.35 13.47 -12.18
C VAL A 387 -6.52 14.95 -12.14
N LYS A 388 -6.87 15.50 -13.31
CA LYS A 388 -7.09 16.90 -13.38
C LYS A 388 -8.34 17.25 -12.60
N LYS A 389 -9.46 16.60 -12.92
CA LYS A 389 -10.71 16.87 -12.18
C LYS A 389 -10.44 16.70 -10.71
N ASN A 390 -9.61 15.75 -10.32
CA ASN A 390 -9.43 15.52 -8.90
C ASN A 390 -8.51 16.52 -8.29
N CYS A 391 -7.43 16.84 -9.00
CA CYS A 391 -6.57 17.90 -8.50
C CYS A 391 -7.26 19.20 -8.50
N ASP A 392 -8.11 19.43 -9.48
CA ASP A 392 -8.82 20.70 -9.52
C ASP A 392 -9.71 20.80 -8.34
N LEU A 393 -10.36 19.69 -8.02
CA LEU A 393 -11.35 19.72 -6.98
C LEU A 393 -10.54 19.90 -5.75
N PHE A 394 -9.46 19.16 -5.71
CA PHE A 394 -8.63 19.17 -4.54
C PHE A 394 -8.16 20.56 -4.31
N GLU A 395 -7.66 21.17 -5.38
CA GLU A 395 -7.13 22.52 -5.29
C GLU A 395 -8.18 23.47 -4.83
N GLU A 396 -9.36 23.37 -5.44
CA GLU A 396 -10.49 24.24 -5.19
C GLU A 396 -10.92 24.04 -3.75
N VAL A 397 -10.87 22.82 -3.28
CA VAL A 397 -11.69 22.44 -2.15
C VAL A 397 -10.85 22.03 -0.95
N GLY A 398 -9.64 21.55 -1.19
CA GLY A 398 -8.77 21.18 -0.11
C GLY A 398 -8.92 19.75 0.32
N GLU A 399 -8.02 19.31 1.17
CA GLU A 399 -7.94 17.88 1.41
C GLU A 399 -9.26 17.35 1.95
N TYR A 400 -9.80 17.96 2.97
CA TYR A 400 -10.91 17.37 3.68
C TYR A 400 -12.12 17.28 2.80
N ASP A 401 -12.41 18.38 2.12
CA ASP A 401 -13.53 18.45 1.20
C ASP A 401 -13.35 17.51 0.04
N PHE A 402 -12.11 17.33 -0.32
CA PHE A 402 -11.76 16.49 -1.40
C PHE A 402 -12.01 15.07 -0.91
N GLN A 403 -11.60 14.81 0.33
CA GLN A 403 -11.77 13.52 0.91
C GLN A 403 -13.22 13.32 0.95
N ASN A 404 -13.92 14.36 1.35
CA ASN A 404 -15.35 14.21 1.43
C ASN A 404 -15.92 13.85 0.09
N ALA A 405 -15.51 14.54 -0.97
CA ALA A 405 -16.06 14.20 -2.27
C ALA A 405 -15.65 12.80 -2.54
N LEU A 406 -14.50 12.37 -2.04
CA LEU A 406 -14.04 11.06 -2.44
C LEU A 406 -14.86 10.08 -1.67
N ILE A 407 -15.21 10.46 -0.45
CA ILE A 407 -15.93 9.56 0.41
C ILE A 407 -17.28 9.40 -0.22
N VAL A 408 -17.83 10.51 -0.64
CA VAL A 408 -19.12 10.45 -1.30
C VAL A 408 -18.99 9.61 -2.53
N ARG A 409 -17.93 9.86 -3.28
CA ARG A 409 -17.77 9.22 -4.54
C ARG A 409 -17.68 7.75 -4.30
N TYR A 410 -16.87 7.34 -3.31
CA TYR A 410 -16.69 5.90 -3.11
C TYR A 410 -17.81 5.29 -2.36
N THR A 411 -18.49 6.08 -1.56
CA THR A 411 -19.57 5.49 -0.81
C THR A 411 -20.65 5.24 -1.81
N LYS A 412 -20.75 6.09 -2.83
CA LYS A 412 -21.72 5.87 -3.85
C LYS A 412 -21.39 4.62 -4.61
N LYS A 413 -20.11 4.45 -4.93
CA LYS A 413 -19.72 3.30 -5.71
C LYS A 413 -19.92 2.01 -4.93
N ALA A 414 -19.78 2.16 -3.63
CA ALA A 414 -19.54 1.02 -2.81
C ALA A 414 -20.18 1.26 -1.45
N PRO A 415 -21.47 1.56 -1.46
CA PRO A 415 -22.10 1.99 -0.21
C PRO A 415 -22.16 0.90 0.81
N GLN A 416 -21.98 -0.34 0.37
CA GLN A 416 -21.98 -1.48 1.26
C GLN A 416 -20.70 -1.51 2.05
N VAL A 417 -19.72 -0.80 1.57
CA VAL A 417 -18.46 -0.84 2.26
C VAL A 417 -18.67 -0.13 3.54
N SER A 418 -17.94 -0.60 4.54
CA SER A 418 -18.05 -0.05 5.85
C SER A 418 -17.64 1.41 5.79
N THR A 419 -18.27 2.16 6.63
CA THR A 419 -17.99 3.54 6.66
C THR A 419 -16.54 3.80 6.92
N PRO A 420 -15.94 3.08 7.89
CA PRO A 420 -14.57 3.39 8.21
C PRO A 420 -13.73 3.13 7.02
N THR A 421 -14.11 2.14 6.22
CA THR A 421 -13.27 1.83 5.07
C THR A 421 -13.47 2.90 4.09
N LEU A 422 -14.72 3.31 3.94
CA LEU A 422 -14.99 4.27 2.93
C LEU A 422 -14.34 5.57 3.29
N VAL A 423 -14.36 5.89 4.55
CA VAL A 423 -13.80 7.09 5.06
C VAL A 423 -12.32 6.95 4.91
N GLU A 424 -11.81 5.78 5.22
CA GLU A 424 -10.42 5.59 5.14
C GLU A 424 -10.04 5.82 3.71
N ILE A 425 -10.75 5.18 2.80
CA ILE A 425 -10.35 5.30 1.44
C ILE A 425 -10.48 6.71 0.98
N GLY A 426 -11.59 7.37 1.28
CA GLY A 426 -11.73 8.70 0.72
C GLY A 426 -10.70 9.53 1.39
N ARG A 427 -10.45 9.28 2.67
CA ARG A 427 -9.41 10.06 3.36
C ARG A 427 -8.06 9.86 2.69
N THR A 428 -7.80 8.64 2.30
CA THR A 428 -6.48 8.34 1.77
C THR A 428 -6.44 8.93 0.41
N LEU A 429 -7.52 8.75 -0.35
CA LEU A 429 -7.56 9.39 -1.65
C LEU A 429 -7.43 10.89 -1.61
N GLY A 430 -7.93 11.51 -0.57
CA GLY A 430 -7.67 12.92 -0.40
C GLY A 430 -6.24 13.22 -0.10
N LYS A 431 -5.60 12.35 0.68
CA LYS A 431 -4.17 12.53 0.98
C LYS A 431 -3.44 12.34 -0.33
N VAL A 432 -4.05 11.65 -1.26
CA VAL A 432 -3.46 11.50 -2.57
C VAL A 432 -3.48 12.82 -3.31
N GLY A 433 -4.63 13.46 -3.32
CA GLY A 433 -4.73 14.78 -3.87
C GLY A 433 -3.64 15.63 -3.24
N SER A 434 -3.55 15.64 -1.92
CA SER A 434 -2.60 16.49 -1.26
C SER A 434 -1.22 16.11 -1.67
N ARG A 435 -0.98 14.84 -1.84
CA ARG A 435 0.36 14.46 -2.20
C ARG A 435 0.57 14.81 -3.65
N CYS A 436 -0.37 14.45 -4.46
CA CYS A 436 -0.05 14.35 -5.89
C CYS A 436 -0.33 15.58 -6.60
N CYS A 437 -1.32 16.30 -6.11
CA CYS A 437 -1.80 17.38 -6.87
C CYS A 437 -0.85 18.54 -6.85
N LYS A 438 0.00 18.59 -5.84
CA LYS A 438 0.88 19.74 -5.66
C LYS A 438 2.13 19.47 -6.45
N LEU A 439 2.28 18.24 -6.93
CA LEU A 439 3.48 17.84 -7.64
C LEU A 439 3.47 18.58 -8.94
N PRO A 440 4.68 18.72 -9.55
CA PRO A 440 4.78 19.17 -10.93
C PRO A 440 3.75 18.36 -11.66
N GLU A 441 3.10 18.99 -12.61
CA GLU A 441 1.92 18.44 -13.23
C GLU A 441 2.09 17.09 -13.89
N SER A 442 3.20 16.87 -14.56
CA SER A 442 3.47 15.59 -15.21
C SER A 442 3.65 14.51 -14.17
N GLU A 443 3.81 14.91 -12.92
CA GLU A 443 3.91 13.93 -11.87
C GLU A 443 2.57 13.61 -11.23
N ARG A 444 1.55 14.39 -11.50
CA ARG A 444 0.30 14.16 -10.80
C ARG A 444 -0.37 12.92 -11.24
N LEU A 445 -0.31 12.59 -12.51
CA LEU A 445 -1.01 11.44 -13.00
C LEU A 445 -0.39 10.20 -12.34
N PRO A 446 0.91 9.97 -12.56
CA PRO A 446 1.54 8.79 -11.94
C PRO A 446 1.31 8.82 -10.44
N CYS A 447 1.62 9.94 -9.82
CA CYS A 447 1.32 10.08 -8.44
C CYS A 447 -0.13 9.66 -8.07
N SER A 448 -1.12 10.31 -8.65
CA SER A 448 -2.46 10.09 -8.21
C SER A 448 -2.82 8.71 -8.48
N GLU A 449 -2.56 8.28 -9.70
CA GLU A 449 -3.03 7.02 -10.04
C GLU A 449 -2.27 5.94 -9.32
N ASN A 450 -0.97 6.14 -9.10
CA ASN A 450 -0.23 5.11 -8.36
C ASN A 450 -0.74 5.05 -6.95
N HIS A 451 -1.12 6.21 -6.44
CA HIS A 451 -1.44 6.21 -5.08
C HIS A 451 -2.82 5.75 -4.97
N LEU A 452 -3.62 6.06 -5.96
CA LEU A 452 -4.97 5.57 -6.02
C LEU A 452 -4.94 4.07 -6.02
N ALA A 453 -4.03 3.49 -6.76
CA ALA A 453 -3.95 2.05 -6.80
C ALA A 453 -3.78 1.59 -5.36
N LEU A 454 -3.04 2.35 -4.55
CA LEU A 454 -2.67 1.90 -3.20
C LEU A 454 -3.89 1.85 -2.37
N ALA A 455 -4.72 2.86 -2.54
CA ALA A 455 -5.90 3.06 -1.73
C ALA A 455 -6.98 2.12 -2.18
N LEU A 456 -7.11 1.93 -3.48
CA LEU A 456 -8.06 0.96 -3.97
C LEU A 456 -7.68 -0.41 -3.55
N ASN A 457 -6.38 -0.63 -3.53
CA ASN A 457 -5.99 -1.92 -3.21
C ASN A 457 -6.29 -2.14 -1.76
N ARG A 458 -6.15 -1.07 -0.99
CA ARG A 458 -6.45 -1.12 0.40
C ARG A 458 -7.89 -1.56 0.54
N LEU A 459 -8.78 -0.92 -0.20
CA LEU A 459 -10.19 -1.23 -0.20
C LEU A 459 -10.41 -2.62 -0.65
N CYS A 460 -9.71 -3.02 -1.68
CA CYS A 460 -9.85 -4.33 -2.20
C CYS A 460 -9.41 -5.30 -1.16
N VAL A 461 -8.34 -4.94 -0.45
CA VAL A 461 -7.76 -5.87 0.45
C VAL A 461 -8.78 -6.09 1.53
N LEU A 462 -9.37 -4.99 1.94
CA LEU A 462 -10.37 -4.99 2.99
C LEU A 462 -11.56 -5.74 2.49
N HIS A 463 -11.90 -5.49 1.26
CA HIS A 463 -12.99 -6.16 0.71
C HIS A 463 -12.77 -7.65 0.65
N GLU A 464 -11.52 -8.11 0.68
CA GLU A 464 -11.25 -9.53 0.60
C GLU A 464 -11.80 -10.23 1.78
N LYS A 465 -11.57 -9.63 2.94
CA LYS A 465 -12.00 -10.21 4.21
C LYS A 465 -13.45 -9.90 4.38
N THR A 466 -13.83 -8.73 3.92
CA THR A 466 -15.15 -8.23 4.22
C THR A 466 -15.78 -7.79 2.91
N PRO A 467 -16.15 -8.79 2.10
CA PRO A 467 -16.73 -8.65 0.80
C PRO A 467 -18.10 -8.11 1.05
N VAL A 468 -18.40 -7.00 0.41
CA VAL A 468 -19.72 -6.39 0.65
C VAL A 468 -20.35 -6.01 -0.65
N SER A 469 -19.53 -5.90 -1.69
CA SER A 469 -20.00 -5.37 -2.94
C SER A 469 -19.36 -6.14 -4.05
N GLU A 470 -20.18 -6.67 -4.91
CA GLU A 470 -19.69 -7.41 -6.03
C GLU A 470 -19.01 -6.47 -6.95
N LYS A 471 -19.37 -5.20 -6.87
CA LYS A 471 -18.84 -4.26 -7.83
C LYS A 471 -17.43 -4.01 -7.36
N ILE A 472 -17.21 -3.89 -6.05
CA ILE A 472 -15.89 -3.83 -5.54
C ILE A 472 -15.20 -5.10 -5.89
N THR A 473 -15.88 -6.22 -5.72
CA THR A 473 -15.17 -7.44 -5.95
C THR A 473 -14.68 -7.42 -7.35
N LYS A 474 -15.56 -7.02 -8.25
CA LYS A 474 -15.29 -7.14 -9.60
C LYS A 474 -14.06 -6.27 -9.85
N CYS A 475 -14.08 -5.06 -9.32
CA CYS A 475 -13.05 -4.10 -9.63
C CYS A 475 -11.78 -4.53 -9.00
N CYS A 476 -11.89 -5.13 -7.84
CA CYS A 476 -10.75 -5.58 -7.11
C CYS A 476 -10.13 -6.82 -7.68
N THR A 477 -10.87 -7.57 -8.46
CA THR A 477 -10.37 -8.89 -8.80
C THR A 477 -10.25 -8.94 -10.30
N ASP A 478 -10.76 -7.93 -10.98
CA ASP A 478 -10.44 -7.82 -12.37
C ASP A 478 -9.05 -7.24 -12.55
N SER A 479 -8.66 -7.05 -13.80
CA SER A 479 -7.34 -6.53 -14.11
C SER A 479 -6.86 -5.55 -13.06
N LEU A 480 -5.73 -5.83 -12.44
CA LEU A 480 -5.19 -4.87 -11.50
C LEU A 480 -4.94 -3.57 -12.18
N ALA A 481 -4.55 -3.64 -13.44
CA ALA A 481 -4.32 -2.43 -14.20
C ALA A 481 -5.62 -1.63 -14.41
N GLU A 482 -6.76 -2.31 -14.38
CA GLU A 482 -8.07 -1.72 -14.69
C GLU A 482 -8.81 -1.38 -13.45
N ARG A 483 -8.18 -1.67 -12.36
CA ARG A 483 -8.87 -1.57 -11.11
C ARG A 483 -9.27 -0.14 -10.89
N ARG A 484 -8.38 0.78 -11.18
CA ARG A 484 -8.70 2.15 -10.94
C ARG A 484 -9.76 2.58 -11.93
N PRO A 485 -9.56 2.31 -13.21
CA PRO A 485 -10.68 2.67 -14.10
C PRO A 485 -11.92 1.98 -13.68
N CYS A 486 -11.79 0.75 -13.20
CA CYS A 486 -12.96 0.03 -12.85
C CYS A 486 -13.71 0.74 -11.74
N PHE A 487 -12.98 1.10 -10.71
CA PHE A 487 -13.55 1.89 -9.64
C PHE A 487 -14.03 3.21 -10.09
N SER A 488 -13.24 3.90 -10.89
CA SER A 488 -13.65 5.20 -11.42
C SER A 488 -14.97 5.02 -12.13
N ALA A 489 -15.13 3.88 -12.78
CA ALA A 489 -16.30 3.62 -13.59
C ALA A 489 -17.43 3.22 -12.69
N LEU A 490 -17.16 2.90 -11.45
CA LEU A 490 -18.31 2.64 -10.63
C LEU A 490 -19.12 3.89 -10.42
N GLU A 491 -20.40 3.71 -10.35
CA GLU A 491 -21.22 4.81 -9.93
C GLU A 491 -22.11 4.13 -8.99
N LEU A 492 -23.13 4.84 -8.57
CA LEU A 492 -24.10 4.37 -7.64
C LEU A 492 -24.92 3.25 -8.28
N ASP A 493 -25.01 2.13 -7.57
CA ASP A 493 -25.89 1.04 -7.97
C ASP A 493 -27.28 1.52 -7.75
N GLU A 494 -28.05 1.75 -8.81
CA GLU A 494 -29.43 2.13 -8.60
C GLU A 494 -30.18 0.89 -8.07
N GLY A 495 -29.41 -0.15 -7.74
CA GLY A 495 -29.93 -1.29 -7.02
C GLY A 495 -29.80 -1.04 -5.53
N TYR A 496 -28.61 -0.65 -5.10
CA TYR A 496 -28.27 -0.52 -3.66
C TYR A 496 -29.39 0.06 -2.84
N VAL A 497 -29.65 -0.52 -1.68
CA VAL A 497 -30.79 -0.11 -0.89
C VAL A 497 -30.25 0.85 0.14
N PRO A 498 -30.67 2.12 0.10
CA PRO A 498 -30.19 3.10 1.06
C PRO A 498 -30.18 2.46 2.40
N LYS A 499 -29.06 2.61 3.08
CA LYS A 499 -28.96 2.11 4.41
C LYS A 499 -30.07 2.82 5.17
N GLU A 500 -30.80 2.02 5.93
CA GLU A 500 -31.83 2.54 6.78
C GLU A 500 -31.27 3.69 7.57
N PHE A 501 -32.08 4.70 7.78
CA PHE A 501 -31.62 5.83 8.54
C PHE A 501 -31.56 5.48 10.01
N LYS A 502 -30.43 5.75 10.62
CA LYS A 502 -30.26 5.64 12.04
C LYS A 502 -29.77 7.00 12.52
N ALA A 503 -30.69 7.74 13.12
CA ALA A 503 -30.42 9.07 13.58
C ALA A 503 -29.09 9.20 14.33
N GLU A 504 -28.74 8.18 15.09
CA GLU A 504 -27.61 8.27 16.02
C GLU A 504 -26.34 8.40 15.26
N THR A 505 -26.32 7.73 14.15
CA THR A 505 -25.21 7.81 13.27
C THR A 505 -24.86 9.26 12.97
N PHE A 506 -25.86 10.13 12.86
CA PHE A 506 -25.57 11.52 12.49
C PHE A 506 -25.74 12.34 13.68
N THR A 507 -25.88 11.69 14.80
CA THR A 507 -26.09 12.44 15.97
C THR A 507 -24.72 12.70 16.55
N PHE A 508 -24.41 13.96 16.68
CA PHE A 508 -23.10 14.26 17.19
C PHE A 508 -23.18 14.58 18.65
N HIS A 509 -22.10 14.38 19.35
CA HIS A 509 -22.12 14.72 20.73
C HIS A 509 -20.87 15.44 20.97
N ALA A 510 -20.75 16.00 22.16
CA ALA A 510 -19.66 16.88 22.41
C ALA A 510 -18.37 16.12 22.49
N ASP A 511 -18.44 14.79 22.49
CA ASP A 511 -17.20 14.02 22.50
C ASP A 511 -16.37 14.43 21.29
N ILE A 512 -17.07 14.72 20.20
CA ILE A 512 -16.39 15.03 18.99
C ILE A 512 -15.48 16.21 19.18
N CYS A 513 -15.80 17.06 20.16
CA CYS A 513 -15.06 18.33 20.33
C CYS A 513 -13.62 18.19 20.79
N THR A 514 -13.32 17.07 21.39
CA THR A 514 -12.04 16.93 22.02
C THR A 514 -11.22 16.15 21.05
N LEU A 515 -11.87 15.70 19.98
CA LEU A 515 -11.16 14.96 18.94
C LEU A 515 -10.11 15.85 18.30
N PRO A 516 -8.93 15.29 17.96
CA PRO A 516 -8.02 15.95 17.05
C PRO A 516 -8.76 16.19 15.76
N GLU A 517 -8.29 17.15 14.98
CA GLU A 517 -9.06 17.54 13.80
CA GLU A 517 -8.97 17.56 13.76
C GLU A 517 -9.30 16.34 12.88
N ASP A 518 -8.30 15.48 12.70
CA ASP A 518 -8.45 14.38 11.78
C ASP A 518 -9.50 13.44 12.27
N GLU A 519 -9.59 13.25 13.57
CA GLU A 519 -10.65 12.45 14.08
C GLU A 519 -12.00 13.17 13.97
N LYS A 520 -12.05 14.49 14.14
CA LYS A 520 -13.32 15.15 14.02
C LYS A 520 -13.71 14.95 12.55
N GLN A 521 -12.73 15.02 11.66
CA GLN A 521 -13.03 14.90 10.26
C GLN A 521 -13.56 13.54 9.99
N ILE A 522 -12.88 12.57 10.56
CA ILE A 522 -13.24 11.21 10.33
C ILE A 522 -14.64 11.10 10.80
N LYS A 523 -14.92 11.68 11.96
CA LYS A 523 -16.28 11.58 12.43
C LYS A 523 -17.22 12.22 11.43
N LYS A 524 -16.85 13.40 10.92
CA LYS A 524 -17.71 14.05 9.96
C LYS A 524 -17.79 13.19 8.68
N GLN A 525 -16.64 12.74 8.24
CA GLN A 525 -16.59 12.00 7.02
C GLN A 525 -17.32 10.68 7.16
N SER A 526 -17.35 10.18 8.37
CA SER A 526 -18.06 8.96 8.64
C SER A 526 -19.51 9.27 8.53
N ALA A 527 -19.94 10.38 9.11
CA ALA A 527 -21.35 10.73 9.02
C ALA A 527 -21.63 10.90 7.57
N LEU A 528 -20.71 11.58 6.90
CA LEU A 528 -20.86 11.84 5.48
C LEU A 528 -21.05 10.52 4.75
N ALA A 529 -20.20 9.53 5.00
CA ALA A 529 -20.34 8.29 4.31
C ALA A 529 -21.75 7.86 4.59
N GLU A 530 -22.12 7.97 5.87
CA GLU A 530 -23.39 7.49 6.28
C GLU A 530 -24.49 8.27 5.66
N LEU A 531 -24.26 9.56 5.42
CA LEU A 531 -25.28 10.33 4.78
C LEU A 531 -25.40 9.74 3.42
N VAL A 532 -24.28 9.42 2.82
CA VAL A 532 -24.39 8.88 1.49
C VAL A 532 -25.09 7.53 1.53
N LYS A 533 -24.75 6.67 2.47
CA LYS A 533 -25.37 5.37 2.44
C LYS A 533 -26.83 5.49 2.60
N HIS A 534 -27.24 6.50 3.36
CA HIS A 534 -28.64 6.63 3.58
C HIS A 534 -29.31 7.34 2.43
N LYS A 535 -28.58 8.21 1.75
CA LYS A 535 -29.17 8.98 0.66
C LYS A 535 -28.18 8.86 -0.43
N PRO A 536 -28.07 7.67 -1.00
CA PRO A 536 -27.11 7.40 -2.05
C PRO A 536 -27.26 8.34 -3.23
N LYS A 537 -28.50 8.72 -3.55
CA LYS A 537 -28.80 9.53 -4.72
C LYS A 537 -28.47 10.97 -4.47
N ALA A 538 -28.17 11.31 -3.23
CA ALA A 538 -27.89 12.69 -2.90
C ALA A 538 -26.64 13.06 -3.58
N THR A 539 -26.64 14.20 -4.23
CA THR A 539 -25.48 14.62 -4.95
C THR A 539 -24.43 14.93 -3.94
N LYS A 540 -23.19 14.82 -4.36
CA LYS A 540 -22.08 15.22 -3.57
C LYS A 540 -22.27 16.64 -3.09
N GLU A 541 -22.93 17.44 -3.89
CA GLU A 541 -23.08 18.84 -3.55
C GLU A 541 -24.09 18.97 -2.42
N GLN A 542 -25.17 18.20 -2.46
CA GLN A 542 -26.07 18.21 -1.32
C GLN A 542 -25.37 17.66 -0.12
N LEU A 543 -24.54 16.65 -0.34
CA LEU A 543 -23.87 16.02 0.77
C LEU A 543 -22.93 16.99 1.35
N LYS A 544 -22.27 17.76 0.49
CA LYS A 544 -21.29 18.69 0.96
C LYS A 544 -22.00 19.75 1.77
N THR A 545 -23.14 20.20 1.26
CA THR A 545 -23.91 21.21 1.97
C THR A 545 -24.30 20.67 3.33
N VAL A 546 -24.82 19.48 3.33
CA VAL A 546 -25.31 18.89 4.55
C VAL A 546 -24.14 18.68 5.48
N LEU A 547 -23.01 18.23 4.97
CA LEU A 547 -21.91 18.02 5.85
C LEU A 547 -21.44 19.33 6.36
N GLY A 548 -21.39 20.31 5.46
CA GLY A 548 -21.16 21.66 5.84
C GLY A 548 -22.01 22.00 7.03
N ASN A 549 -23.30 21.74 6.91
CA ASN A 549 -24.20 22.08 7.99
C ASN A 549 -23.82 21.34 9.21
N PHE A 550 -23.45 20.07 9.04
CA PHE A 550 -23.00 19.30 10.18
C PHE A 550 -21.73 19.84 10.77
N SER A 551 -20.81 20.27 9.91
CA SER A 551 -19.55 20.72 10.40
C SER A 551 -19.74 21.95 11.21
N ALA A 552 -20.62 22.81 10.72
CA ALA A 552 -20.83 24.10 11.30
C ALA A 552 -21.43 23.80 12.61
N PHE A 553 -22.34 22.84 12.61
CA PHE A 553 -23.09 22.57 13.79
C PHE A 553 -22.15 22.00 14.83
N VAL A 554 -21.32 21.07 14.41
CA VAL A 554 -20.26 20.58 15.24
C VAL A 554 -19.35 21.73 15.68
N ALA A 555 -18.88 22.55 14.75
CA ALA A 555 -17.96 23.59 15.12
C ALA A 555 -18.62 24.43 16.21
N LYS A 556 -19.90 24.70 16.04
CA LYS A 556 -20.61 25.63 16.87
C LYS A 556 -20.83 25.04 18.22
N CYS A 557 -21.28 23.79 18.21
CA CYS A 557 -21.59 23.15 19.44
C CYS A 557 -20.32 22.87 20.23
N CYS A 558 -19.27 22.47 19.54
CA CYS A 558 -17.98 22.41 20.19
C CYS A 558 -17.55 23.74 20.79
N GLY A 559 -18.01 24.86 20.22
CA GLY A 559 -17.61 26.17 20.75
C GLY A 559 -18.56 26.68 21.82
N ARG A 560 -19.63 25.91 22.10
CA ARG A 560 -20.69 26.31 23.01
C ARG A 560 -20.16 26.10 24.39
N GLU A 561 -20.67 26.88 25.35
CA GLU A 561 -20.28 26.72 26.74
C GLU A 561 -20.74 25.35 27.16
N ASP A 562 -21.96 25.03 26.78
CA ASP A 562 -22.57 23.74 27.04
C ASP A 562 -22.60 22.98 25.73
N LYS A 563 -21.48 22.32 25.46
CA LYS A 563 -21.30 21.69 24.18
C LYS A 563 -22.38 20.69 23.98
N GLU A 564 -22.61 19.87 24.99
CA GLU A 564 -23.55 18.81 24.78
C GLU A 564 -24.95 19.35 24.56
N ALA A 565 -25.33 20.38 25.33
CA ALA A 565 -26.67 20.91 25.23
C ALA A 565 -26.80 21.37 23.80
N CYS A 566 -25.73 21.94 23.29
CA CYS A 566 -25.78 22.42 21.96
C CYS A 566 -26.03 21.30 20.99
N PHE A 567 -25.21 20.28 21.06
CA PHE A 567 -25.38 19.11 20.23
C PHE A 567 -26.74 18.51 20.38
N ALA A 568 -27.21 18.53 21.61
CA ALA A 568 -28.47 17.89 21.94
C ALA A 568 -29.60 18.74 21.41
N GLU A 569 -29.47 20.04 21.55
CA GLU A 569 -30.53 20.92 21.11
C GLU A 569 -30.59 20.97 19.60
N GLU A 570 -29.43 21.08 19.00
CA GLU A 570 -29.40 21.48 17.62
CA GLU A 570 -29.37 21.48 17.61
C GLU A 570 -29.15 20.31 16.67
N GLY A 571 -28.51 19.27 17.19
CA GLY A 571 -28.24 18.08 16.40
C GLY A 571 -29.49 17.49 15.76
N PRO A 572 -30.52 17.22 16.57
CA PRO A 572 -31.58 16.42 15.97
C PRO A 572 -32.26 17.13 14.84
N LYS A 573 -32.48 18.41 15.01
CA LYS A 573 -33.04 19.23 13.96
C LYS A 573 -32.18 19.12 12.71
N LEU A 574 -30.89 19.30 12.88
CA LEU A 574 -30.00 19.16 11.75
C LEU A 574 -30.01 17.75 11.21
N VAL A 575 -30.10 16.78 12.11
CA VAL A 575 -30.15 15.41 11.63
C VAL A 575 -31.37 15.22 10.76
N ALA A 576 -32.53 15.72 11.19
CA ALA A 576 -33.74 15.52 10.44
C ALA A 576 -33.68 16.27 9.12
N SER A 577 -33.27 17.55 9.19
CA SER A 577 -33.34 18.41 8.03
C SER A 577 -32.30 18.03 7.00
N SER A 578 -31.12 17.70 7.49
CA SER A 578 -30.09 17.06 6.68
C SER A 578 -30.72 16.07 5.75
N GLN A 579 -31.59 15.23 6.26
CA GLN A 579 -32.13 14.21 5.37
C GLN A 579 -32.95 14.82 4.27
N LEU A 580 -33.64 15.90 4.59
CA LEU A 580 -34.45 16.62 3.65
C LEU A 580 -33.57 17.18 2.57
N ALA A 581 -32.34 17.50 2.97
CA ALA A 581 -31.43 18.21 2.09
C ALA A 581 -30.84 17.20 1.13
N LEU A 582 -31.04 15.92 1.44
CA LEU A 582 -30.43 14.89 0.64
C LEU A 582 -31.41 14.23 -0.32
N ALA A 583 -30.96 13.15 -0.96
CA ALA A 583 -31.53 12.76 -2.27
C ALA A 583 -32.49 13.86 -2.82
C1 MLI B . 11.21 -17.14 5.39
C2 MLI B . 10.87 -16.17 6.49
C3 MLI B . 12.15 -16.50 4.39
O6 MLI B . 9.80 -16.42 7.10
O7 MLI B . 11.66 -15.21 6.71
O8 MLI B . 12.65 -15.41 4.71
O9 MLI B . 12.38 -17.10 3.31
C1 MLI C . -34.65 10.22 7.53
C2 MLI C . -35.65 9.45 8.38
C3 MLI C . -35.00 10.24 6.04
O6 MLI C . -36.07 9.97 9.44
O7 MLI C . -36.03 8.29 8.04
O8 MLI C . -36.18 10.32 5.64
O9 MLI C . -34.10 10.18 5.22
C1 MLI D . -11.78 9.56 -8.50
C2 MLI D . -12.21 8.37 -9.35
C3 MLI D . -10.78 9.23 -7.41
O6 MLI D . -12.66 7.34 -8.80
O7 MLI D . -12.08 8.48 -10.60
O8 MLI D . -9.97 10.10 -7.00
O9 MLI D . -10.78 8.08 -6.96
C1 MLI E . 17.18 -5.44 4.11
C2 MLI E . 18.19 -6.07 5.05
C3 MLI E . 17.81 -4.55 3.06
O6 MLI E . 17.82 -6.42 6.17
O7 MLI E . 19.37 -6.28 4.69
O8 MLI E . 17.08 -3.96 2.27
O9 MLI E . 19.04 -4.41 2.98
C1 MLI F . 4.62 4.43 -6.89
C2 MLI F . 5.14 5.50 -5.95
C3 MLI F . 5.57 3.28 -6.63
O6 MLI F . 4.56 5.60 -4.83
O7 MLI F . 6.15 6.19 -6.37
O8 MLI F . 5.17 2.34 -5.96
O9 MLI F . 6.73 3.34 -7.05
C1 MLI G . 0.98 -5.07 -9.68
C2 MLI G . 1.57 -4.32 -8.52
C3 MLI G . -0.03 -4.19 -10.40
O6 MLI G . 1.03 -3.25 -8.15
O7 MLI G . 2.59 -4.78 -7.96
O8 MLI G . -0.47 -3.20 -9.79
O9 MLI G . -0.36 -4.50 -11.59
C1 SIN H . 13.67 -1.19 -6.36
O1 SIN H . 12.69 -0.49 -6.17
O2 SIN H . 14.27 -1.06 -7.46
C2 SIN H . 14.12 -2.13 -5.29
C3 SIN H . 13.19 -1.98 -4.04
C4 SIN H . 13.92 -2.30 -2.79
O3 SIN H . 13.24 -2.55 -1.77
O4 SIN H . 15.20 -2.33 -2.77
C1 LMR I . 9.04 1.24 -6.08
O1A LMR I . 9.47 1.54 -4.94
O1B LMR I . 9.21 1.81 -7.19
C2 LMR I . 8.18 0.03 -6.13
O2 LMR I . 6.87 0.48 -5.68
C3 LMR I . 8.41 -0.48 -7.56
C4 LMR I . 8.40 -1.98 -7.60
O4A LMR I . 8.60 -2.50 -8.70
O4B LMR I . 8.13 -2.65 -6.54
#